data_5F8P
#
_entry.id   5F8P
#
_cell.length_a   142.218
_cell.length_b   142.218
_cell.length_c   83.028
_cell.angle_alpha   90.00
_cell.angle_beta   90.00
_cell.angle_gamma   120.00
#
_symmetry.space_group_name_H-M   'H 3'
#
loop_
_entity.id
_entity.type
_entity.pdbx_description
1 polymer 'Alpha-ketoglutarate-dependent dioxygenase FTO'
2 non-polymer 'SULFATE ION'
3 non-polymer 4-chloranyl-6-[(2~{S})-6-chloranyl-2,4,4-trimethyl-7-oxidanyl-3~{H}-chromen-2-yl]benzene-1,3-diol
4 non-polymer '2-OXOGLUTARIC ACID'
5 non-polymer 'FE (II) ION'
6 water water
#
_entity_poly.entity_id   1
_entity_poly.type   'polypeptide(L)'
_entity_poly.pdbx_seq_one_letter_code
;LESHMTPKDDEFYQQWQLKYPKLILREASSVSEELHKEVQEAFLTLHKHGCLFRDLVRIQGKDLLTPVSRILIGNPGCTY
KYLNTRLFTVPWPVKGSNIKHTEAEIAAACETFLKLNDYLQIETIQALEELAAKEKANEDAVPLCMSADFPRVGMGSSYN
GQDEVDIKSRAAYNVTLLNFMDPQKMPYLKEEPYFGMGKMAVSWHHDENLVDRSAVAVYSYSCEGPEEESEDDSHLEGRD
PDIWHVGFKISWDIETPGLAIPLHQGDCYFMLDDLNATHQHCVLAGSQPRFSSTHRVAECSTGTLDYILQRCQLALQNVC
DDVDNDDVSLKSFEPAVLKQGEEIHNEVEFEWLRQFWFQGNRYRKCTDWWCQPMAQLEALWKKMEGVTNAVLHEVKREGL
PVEQRNEILTAILASLTARQNLRREWHARCQSRIARTLPADQKPECRPYWEKDDASMPLPFDLTDIVSELRGQLLE
;
_entity_poly.pdbx_strand_id   A
#
# COMPACT_ATOMS: atom_id res chain seq x y z
N LEU A 1 29.35 -1.56 22.75
CA LEU A 1 28.37 -2.63 23.01
C LEU A 1 26.99 -2.14 22.61
N GLU A 2 26.27 -3.01 21.91
CA GLU A 2 24.93 -2.69 21.44
C GLU A 2 23.95 -3.25 22.43
N SER A 3 23.17 -2.34 23.01
CA SER A 3 22.26 -2.73 24.08
C SER A 3 20.87 -2.17 23.89
N HIS A 4 19.92 -2.79 24.58
CA HIS A 4 18.53 -2.39 24.52
C HIS A 4 17.95 -2.65 25.89
N MET A 5 16.74 -2.18 26.12
CA MET A 5 16.08 -2.40 27.39
C MET A 5 14.81 -3.21 27.18
N THR A 6 14.55 -4.12 28.11
CA THR A 6 13.33 -4.89 28.10
C THR A 6 12.78 -4.79 29.53
N PRO A 7 11.61 -5.40 29.81
CA PRO A 7 11.13 -5.46 31.20
C PRO A 7 12.08 -6.08 32.22
N LYS A 8 13.19 -6.71 31.84
CA LYS A 8 14.12 -7.20 32.88
C LYS A 8 14.90 -6.05 33.50
N ASP A 9 15.01 -4.95 32.77
CA ASP A 9 15.84 -3.83 33.19
C ASP A 9 15.10 -2.84 34.08
N ASP A 10 15.73 -2.47 35.20
CA ASP A 10 15.17 -1.51 36.14
C ASP A 10 14.75 -0.21 35.43
N GLU A 11 15.58 0.26 34.50
CA GLU A 11 15.43 1.54 33.84
C GLU A 11 14.37 1.58 32.74
N PHE A 12 13.87 0.42 32.36
CA PHE A 12 12.92 0.27 31.27
C PHE A 12 11.65 1.06 31.57
N TYR A 13 11.24 0.99 32.83
CA TYR A 13 9.96 1.51 33.21
C TYR A 13 9.96 3.04 33.13
N GLN A 14 11.01 3.65 33.65
CA GLN A 14 11.12 5.09 33.62
C GLN A 14 11.38 5.62 32.23
N GLN A 15 12.14 4.87 31.44
CA GLN A 15 12.34 5.15 30.04
C GLN A 15 11.03 5.15 29.27
N TRP A 16 10.20 4.15 29.53
CA TRP A 16 8.91 4.09 28.85
C TRP A 16 8.07 5.31 29.31
N GLN A 17 8.00 5.51 30.62
CA GLN A 17 7.13 6.49 31.22
C GLN A 17 7.50 7.89 30.73
N LEU A 18 8.81 8.14 30.66
CA LEU A 18 9.29 9.49 30.41
C LEU A 18 9.50 9.78 28.94
N LYS A 19 10.04 8.81 28.21
CA LYS A 19 10.37 8.98 26.79
C LYS A 19 9.35 8.38 25.80
N TYR A 20 8.44 7.53 26.27
CA TYR A 20 7.41 6.97 25.36
C TYR A 20 6.00 7.05 25.90
N PRO A 21 5.59 8.21 26.41
CA PRO A 21 4.20 8.20 26.87
C PRO A 21 3.16 8.02 25.72
N LYS A 22 3.56 8.08 24.44
CA LYS A 22 2.60 7.87 23.35
C LYS A 22 2.55 6.42 22.85
N LEU A 23 3.27 5.55 23.55
CA LEU A 23 3.23 4.10 23.29
C LEU A 23 2.43 3.38 24.39
N ILE A 24 1.35 2.71 23.99
CA ILE A 24 0.48 1.99 24.94
C ILE A 24 0.56 0.48 24.66
N LEU A 25 0.61 -0.30 25.72
CA LEU A 25 0.49 -1.75 25.64
C LEU A 25 -0.74 -2.16 26.46
N ARG A 26 -1.70 -2.80 25.81
CA ARG A 26 -2.86 -3.37 26.48
C ARG A 26 -2.65 -4.86 26.33
N GLU A 27 -2.43 -5.54 27.44
CA GLU A 27 -2.12 -6.96 27.42
C GLU A 27 -3.33 -7.84 27.16
N ALA A 28 -3.05 -9.06 26.71
CA ALA A 28 -4.09 -9.98 26.27
C ALA A 28 -5.27 -10.06 27.24
N SER A 29 -4.98 -10.04 28.53
CA SER A 29 -6.04 -10.17 29.54
C SER A 29 -7.03 -8.99 29.52
N SER A 30 -6.66 -7.86 28.92
CA SER A 30 -7.60 -6.74 28.82
C SER A 30 -8.66 -6.93 27.69
N VAL A 31 -8.47 -7.95 26.86
CA VAL A 31 -9.38 -8.24 25.73
C VAL A 31 -10.13 -9.54 25.98
N SER A 32 -11.45 -9.51 25.78
CA SER A 32 -12.30 -10.67 26.07
C SER A 32 -11.83 -11.94 25.34
N GLU A 33 -12.02 -13.09 26.00
CA GLU A 33 -11.73 -14.39 25.39
C GLU A 33 -12.55 -14.60 24.14
N GLU A 34 -13.73 -13.99 24.09
CA GLU A 34 -14.62 -14.06 22.94
C GLU A 34 -14.00 -13.41 21.71
N LEU A 35 -13.47 -12.19 21.88
CA LEU A 35 -12.87 -11.52 20.74
C LEU A 35 -11.60 -12.27 20.34
N HIS A 36 -10.80 -12.68 21.33
CA HIS A 36 -9.55 -13.40 21.05
C HIS A 36 -9.81 -14.64 20.20
N LYS A 37 -10.80 -15.44 20.60
CA LYS A 37 -11.15 -16.65 19.85
C LYS A 37 -11.63 -16.33 18.44
N GLU A 38 -12.46 -15.31 18.30
CA GLU A 38 -13.03 -14.95 17.01
C GLU A 38 -11.96 -14.42 16.04
N VAL A 39 -11.00 -13.69 16.60
CA VAL A 39 -9.96 -13.05 15.81
C VAL A 39 -8.91 -14.06 15.37
N GLN A 40 -8.54 -14.94 16.29
CA GLN A 40 -7.53 -15.94 16.00
C GLN A 40 -8.01 -16.95 14.94
N GLU A 41 -9.29 -17.33 14.97
CA GLU A 41 -9.75 -18.26 13.93
C GLU A 41 -10.04 -17.54 12.62
N ALA A 42 -10.19 -16.21 12.67
CA ALA A 42 -10.31 -15.45 11.44
C ALA A 42 -8.97 -15.44 10.71
N PHE A 43 -7.88 -15.23 11.45
CA PHE A 43 -6.52 -15.37 10.90
C PHE A 43 -6.37 -16.74 10.23
N LEU A 44 -6.72 -17.81 10.94
CA LEU A 44 -6.53 -19.16 10.42
C LEU A 44 -7.38 -19.43 9.20
N THR A 45 -8.62 -18.98 9.24
CA THR A 45 -9.52 -19.12 8.10
C THR A 45 -8.93 -18.44 6.87
N LEU A 46 -8.33 -17.26 7.05
CA LEU A 46 -7.77 -16.52 5.94
C LEU A 46 -6.48 -17.18 5.44
N HIS A 47 -5.69 -17.71 6.37
CA HIS A 47 -4.45 -18.39 6.03
C HIS A 47 -4.75 -19.68 5.28
N LYS A 48 -5.77 -20.38 5.74
CA LYS A 48 -6.14 -21.67 5.19
C LYS A 48 -6.66 -21.50 3.76
N HIS A 49 -7.29 -20.36 3.50
CA HIS A 49 -7.80 -20.07 2.17
C HIS A 49 -6.71 -19.52 1.24
N GLY A 50 -5.52 -19.26 1.79
CA GLY A 50 -4.42 -18.71 1.01
C GLY A 50 -4.60 -17.25 0.63
N CYS A 51 -5.26 -16.49 1.50
CA CYS A 51 -5.51 -15.09 1.22
C CYS A 51 -4.31 -14.15 1.47
N LEU A 52 -3.29 -14.61 2.18
CA LEU A 52 -2.14 -13.76 2.50
C LEU A 52 -0.95 -14.02 1.58
N PHE A 53 -0.33 -12.98 1.07
CA PHE A 53 0.74 -13.21 0.11
C PHE A 53 1.95 -12.39 0.47
N ARG A 54 3.13 -12.90 0.11
CA ARG A 54 4.33 -12.07 0.13
C ARG A 54 4.28 -11.15 -1.09
N ASP A 55 4.80 -9.94 -0.99
CA ASP A 55 4.72 -9.07 -2.17
C ASP A 55 6.09 -8.91 -2.84
N LEU A 56 6.09 -8.92 -4.15
CA LEU A 56 7.30 -8.64 -4.90
C LEU A 56 7.36 -7.14 -5.17
N VAL A 57 7.97 -6.42 -4.24
CA VAL A 57 8.09 -4.99 -4.35
C VAL A 57 9.37 -4.54 -5.05
N ARG A 58 9.48 -3.23 -5.23
CA ARG A 58 10.63 -2.60 -5.88
C ARG A 58 11.12 -1.50 -4.97
N ILE A 59 12.39 -1.58 -4.61
CA ILE A 59 13.02 -0.67 -3.66
C ILE A 59 14.42 -0.36 -4.12
N GLN A 60 14.67 0.90 -4.45
CA GLN A 60 16.01 1.37 -4.80
C GLN A 60 16.57 0.57 -5.96
N GLY A 61 15.70 0.28 -6.93
CA GLY A 61 16.10 -0.44 -8.13
C GLY A 61 16.13 -1.94 -7.94
N LYS A 62 15.86 -2.39 -6.71
CA LYS A 62 15.95 -3.80 -6.35
C LYS A 62 14.57 -4.44 -6.19
N ASP A 63 14.31 -5.46 -7.00
CA ASP A 63 13.12 -6.30 -6.83
C ASP A 63 13.25 -7.27 -5.66
N LEU A 64 12.46 -7.07 -4.63
CA LEU A 64 12.57 -7.86 -3.42
C LEU A 64 11.26 -8.51 -3.05
N LEU A 65 11.34 -9.77 -2.64
CA LEU A 65 10.19 -10.50 -2.14
C LEU A 65 10.09 -10.42 -0.62
N THR A 66 9.05 -9.75 -0.12
CA THR A 66 8.93 -9.50 1.31
C THR A 66 8.86 -10.80 2.12
N PRO A 67 9.70 -10.93 3.17
CA PRO A 67 9.67 -12.09 4.07
C PRO A 67 8.30 -12.32 4.68
N VAL A 68 7.62 -11.25 5.01
CA VAL A 68 6.31 -11.30 5.63
C VAL A 68 5.26 -11.44 4.52
N SER A 69 4.24 -12.25 4.78
CA SER A 69 3.09 -12.30 3.89
C SER A 69 1.88 -11.54 4.49
N ARG A 70 1.04 -11.02 3.62
CA ARG A 70 0.08 -10.01 4.07
C ARG A 70 -1.23 -9.95 3.25
N ILE A 71 -2.26 -9.40 3.87
CA ILE A 71 -3.46 -9.09 3.16
C ILE A 71 -3.99 -7.78 3.73
N LEU A 72 -4.49 -6.91 2.86
CA LEU A 72 -5.12 -5.66 3.28
C LEU A 72 -6.63 -5.82 3.38
N ILE A 73 -7.21 -5.44 4.50
CA ILE A 73 -8.66 -5.52 4.67
C ILE A 73 -9.18 -4.15 5.07
N GLY A 74 -10.33 -3.73 4.53
CA GLY A 74 -10.84 -2.43 4.94
C GLY A 74 -12.01 -1.88 4.15
N ASN A 75 -12.24 -0.56 4.23
CA ASN A 75 -13.39 0.06 3.56
C ASN A 75 -13.37 -0.29 2.10
N PRO A 76 -14.53 -0.69 1.55
CA PRO A 76 -14.64 -1.02 0.12
C PRO A 76 -14.04 0.07 -0.75
N GLY A 77 -13.21 -0.31 -1.71
CA GLY A 77 -12.71 0.66 -2.67
C GLY A 77 -11.46 1.40 -2.23
N CYS A 78 -11.08 1.25 -0.97
CA CYS A 78 -9.86 1.89 -0.47
C CYS A 78 -8.59 1.07 -0.82
N THR A 79 -7.46 1.78 -0.95
CA THR A 79 -6.16 1.16 -1.20
C THR A 79 -5.13 1.77 -0.24
N TYR A 80 -3.95 1.16 -0.17
CA TYR A 80 -2.87 1.57 0.74
C TYR A 80 -1.53 1.26 0.06
N LYS A 81 -0.72 2.27 -0.16
CA LYS A 81 0.60 2.06 -0.77
C LYS A 81 1.63 1.69 0.32
N TYR A 82 2.36 0.62 0.05
CA TYR A 82 3.27 -0.04 0.99
C TYR A 82 4.45 -0.44 0.12
N LEU A 83 5.59 0.25 0.30
CA LEU A 83 6.83 -0.05 -0.44
C LEU A 83 6.66 0.04 -1.94
N ASN A 84 6.03 1.12 -2.40
CA ASN A 84 5.72 1.36 -3.80
C ASN A 84 4.70 0.40 -4.40
N THR A 85 4.05 -0.40 -3.56
CA THR A 85 3.07 -1.32 -4.01
C THR A 85 1.72 -0.87 -3.49
N ARG A 86 0.76 -0.74 -4.40
CA ARG A 86 -0.59 -0.38 -4.00
C ARG A 86 -1.35 -1.66 -3.65
N LEU A 87 -1.68 -1.82 -2.38
CA LEU A 87 -2.49 -2.94 -1.99
C LEU A 87 -3.95 -2.57 -2.06
N PHE A 88 -4.77 -3.54 -2.47
CA PHE A 88 -6.17 -3.32 -2.67
C PHE A 88 -6.97 -4.06 -1.63
N THR A 89 -7.96 -3.40 -1.07
CA THR A 89 -8.58 -3.94 0.10
C THR A 89 -9.49 -5.12 -0.22
N VAL A 90 -9.52 -6.08 0.68
CA VAL A 90 -10.64 -7.02 0.67
C VAL A 90 -11.66 -6.31 1.53
N PRO A 91 -12.87 -6.08 1.01
CA PRO A 91 -13.82 -5.24 1.74
C PRO A 91 -14.36 -5.88 3.02
N TRP A 92 -14.48 -5.09 4.08
CA TRP A 92 -15.20 -5.53 5.27
C TRP A 92 -16.58 -4.89 5.27
N PRO A 93 -17.56 -5.52 5.94
CA PRO A 93 -18.95 -5.14 5.74
C PRO A 93 -19.44 -3.96 6.58
N VAL A 94 -19.51 -2.78 5.97
CA VAL A 94 -20.26 -1.65 6.54
C VAL A 94 -21.04 -0.87 5.46
N LYS A 95 -22.27 -0.47 5.78
CA LYS A 95 -23.09 0.39 4.91
C LYS A 95 -23.10 -0.04 3.43
N THR A 102 -19.14 -13.44 0.08
CA THR A 102 -18.16 -14.21 -0.69
C THR A 102 -17.63 -15.40 0.12
N GLU A 103 -17.97 -16.61 -0.33
CA GLU A 103 -17.48 -17.85 0.28
C GLU A 103 -17.84 -18.02 1.77
N ALA A 104 -18.80 -17.24 2.26
CA ALA A 104 -19.17 -17.23 3.68
C ALA A 104 -17.98 -17.00 4.63
N GLU A 105 -17.01 -17.93 4.62
CA GLU A 105 -15.91 -17.95 5.58
C GLU A 105 -15.00 -16.73 5.52
N ILE A 106 -14.58 -16.38 4.31
CA ILE A 106 -13.70 -15.23 4.12
C ILE A 106 -14.48 -13.97 4.47
N ALA A 107 -15.75 -13.93 4.07
CA ALA A 107 -16.66 -12.84 4.41
C ALA A 107 -16.78 -12.64 5.93
N ALA A 108 -17.04 -13.75 6.62
CA ALA A 108 -17.11 -13.79 8.08
C ALA A 108 -15.85 -13.25 8.72
N ALA A 109 -14.70 -13.64 8.17
CA ALA A 109 -13.41 -13.22 8.74
C ALA A 109 -13.23 -11.71 8.67
N CYS A 110 -13.58 -11.17 7.50
CA CYS A 110 -13.51 -9.74 7.27
C CYS A 110 -14.42 -9.01 8.24
N GLU A 111 -15.59 -9.57 8.52
CA GLU A 111 -16.49 -8.92 9.46
C GLU A 111 -15.85 -8.94 10.84
N THR A 112 -15.13 -10.02 11.12
CA THR A 112 -14.45 -10.14 12.41
C THR A 112 -13.39 -9.05 12.55
N PHE A 113 -12.60 -8.85 11.51
CA PHE A 113 -11.58 -7.85 11.59
C PHE A 113 -12.16 -6.45 11.66
N LEU A 114 -13.39 -6.29 11.19
CA LEU A 114 -14.11 -5.04 11.37
C LEU A 114 -14.52 -4.89 12.83
N LYS A 115 -14.99 -5.98 13.42
CA LYS A 115 -15.34 -6.00 14.84
C LYS A 115 -14.13 -5.59 15.67
N LEU A 116 -13.00 -6.22 15.39
CA LEU A 116 -11.74 -5.90 16.08
C LEU A 116 -11.38 -4.44 15.86
N ASN A 117 -11.61 -3.97 14.64
CA ASN A 117 -11.35 -2.57 14.28
C ASN A 117 -12.16 -1.67 15.19
N ASP A 118 -13.44 -2.01 15.35
CA ASP A 118 -14.28 -1.21 16.23
C ASP A 118 -13.71 -1.18 17.66
N TYR A 119 -13.28 -2.34 18.18
CA TYR A 119 -12.76 -2.40 19.54
C TYR A 119 -11.53 -1.49 19.68
N LEU A 120 -10.57 -1.69 18.78
CA LEU A 120 -9.32 -0.97 18.82
C LEU A 120 -9.53 0.54 18.72
N GLN A 121 -10.48 0.90 17.88
CA GLN A 121 -10.81 2.29 17.63
C GLN A 121 -11.26 2.96 18.92
N ILE A 122 -12.21 2.34 19.59
CA ILE A 122 -12.71 2.84 20.88
C ILE A 122 -11.58 2.93 21.91
N GLU A 123 -10.81 1.85 22.01
CA GLU A 123 -9.66 1.81 22.88
C GLU A 123 -8.72 2.97 22.59
N THR A 124 -8.54 3.30 21.31
CA THR A 124 -7.60 4.33 20.93
C THR A 124 -8.10 5.71 21.35
N ILE A 125 -9.37 5.96 21.12
CA ILE A 125 -9.97 7.24 21.49
C ILE A 125 -9.80 7.44 22.99
N GLN A 126 -10.07 6.37 23.74
CA GLN A 126 -9.92 6.42 25.19
C GLN A 126 -8.51 6.84 25.57
N ALA A 127 -7.51 6.22 24.93
CA ALA A 127 -6.11 6.52 25.26
C ALA A 127 -5.71 7.91 24.82
N LEU A 128 -6.22 8.34 23.67
CA LEU A 128 -6.01 9.71 23.22
C LEU A 128 -6.63 10.73 24.20
N GLU A 129 -7.78 10.39 24.76
CA GLU A 129 -8.45 11.30 25.67
C GLU A 129 -7.73 11.39 27.01
N GLU A 130 -7.24 10.26 27.50
CA GLU A 130 -6.39 10.29 28.69
C GLU A 130 -5.10 11.04 28.40
N LEU A 131 -4.52 10.83 27.21
CA LEU A 131 -3.33 11.59 26.82
C LEU A 131 -3.62 13.09 26.83
N ALA A 132 -4.81 13.45 26.38
CA ALA A 132 -5.25 14.84 26.45
C ALA A 132 -5.47 15.31 27.89
N ALA A 133 -5.83 14.38 28.77
CA ALA A 133 -6.09 14.73 30.16
C ALA A 133 -4.79 14.94 30.93
N LYS A 134 -3.68 14.59 30.29
CA LYS A 134 -2.36 14.85 30.84
C LYS A 134 -1.83 16.14 30.23
N GLU A 135 -2.14 17.26 30.88
CA GLU A 135 -1.74 18.58 30.42
C GLU A 135 -2.05 19.63 31.49
N ASP A 163 -9.96 19.41 17.67
CA ASP A 163 -10.49 19.34 19.03
C ASP A 163 -10.70 17.88 19.44
N GLU A 164 -11.93 17.57 19.84
CA GLU A 164 -12.34 16.17 20.00
C GLU A 164 -12.46 15.54 18.61
N VAL A 165 -12.69 16.41 17.62
CA VAL A 165 -12.79 16.00 16.22
C VAL A 165 -11.47 15.39 15.73
N ASP A 166 -10.36 16.07 16.03
CA ASP A 166 -9.05 15.56 15.66
C ASP A 166 -8.77 14.21 16.32
N ILE A 167 -9.27 14.01 17.54
CA ILE A 167 -9.10 12.73 18.21
C ILE A 167 -9.84 11.62 17.47
N LYS A 168 -11.11 11.83 17.15
CA LYS A 168 -11.85 10.82 16.42
C LYS A 168 -11.30 10.68 15.01
N SER A 169 -10.82 11.77 14.43
CA SER A 169 -10.27 11.68 13.09
C SER A 169 -9.01 10.78 13.08
N ARG A 170 -8.24 10.86 14.15
CA ARG A 170 -6.97 10.13 14.20
C ARG A 170 -7.07 8.67 14.65
N ALA A 171 -8.26 8.26 15.03
CA ALA A 171 -8.52 6.88 15.43
C ALA A 171 -9.52 6.18 14.49
N ALA A 172 -9.99 6.90 13.47
CA ALA A 172 -10.95 6.32 12.51
C ALA A 172 -10.28 5.34 11.54
N TYR A 173 -9.87 4.17 12.04
CA TYR A 173 -9.13 3.23 11.21
C TYR A 173 -10.02 2.76 10.08
N ASN A 174 -9.47 2.74 8.87
CA ASN A 174 -10.24 2.38 7.68
C ASN A 174 -9.63 1.19 6.94
N VAL A 175 -8.45 0.74 7.38
CA VAL A 175 -7.86 -0.52 6.87
C VAL A 175 -7.09 -1.25 7.96
N THR A 176 -6.94 -2.55 7.80
CA THR A 176 -5.92 -3.25 8.53
C THR A 176 -5.05 -4.02 7.54
N LEU A 177 -3.75 -4.06 7.84
CA LEU A 177 -2.81 -4.85 7.08
C LEU A 177 -2.48 -6.06 7.95
N LEU A 178 -2.92 -7.24 7.54
CA LEU A 178 -2.65 -8.47 8.28
C LEU A 178 -1.35 -9.08 7.83
N ASN A 179 -0.51 -9.46 8.78
CA ASN A 179 0.83 -9.97 8.48
C ASN A 179 1.00 -11.32 9.09
N PHE A 180 1.83 -12.15 8.47
CA PHE A 180 2.15 -13.49 8.93
C PHE A 180 3.58 -13.83 8.55
N MET A 181 4.29 -14.45 9.47
CA MET A 181 5.59 -14.97 9.11
C MET A 181 5.87 -16.18 9.96
N ASP A 182 6.41 -17.22 9.34
CA ASP A 182 6.94 -18.39 10.04
C ASP A 182 8.45 -18.27 10.00
N PRO A 183 9.07 -17.92 11.14
CA PRO A 183 10.51 -17.68 11.23
C PRO A 183 11.32 -18.91 10.80
N GLN A 184 10.67 -20.06 10.78
CA GLN A 184 11.33 -21.30 10.37
C GLN A 184 11.60 -21.35 8.87
N LYS A 185 10.80 -20.64 8.09
CA LYS A 185 10.94 -20.70 6.63
C LYS A 185 12.05 -19.78 6.14
N MET A 186 12.46 -18.85 6.99
CA MET A 186 13.63 -18.01 6.73
C MET A 186 14.93 -18.71 7.12
N PRO A 187 15.80 -18.96 6.12
CA PRO A 187 17.07 -19.65 6.38
C PRO A 187 18.08 -18.82 7.26
N TYR A 188 17.98 -17.49 7.17
CA TYR A 188 18.81 -16.61 7.97
C TYR A 188 18.14 -15.26 8.14
N LEU A 189 17.90 -14.84 9.38
CA LEU A 189 17.33 -13.50 9.60
C LEU A 189 18.42 -12.53 9.98
N LYS A 190 18.20 -11.30 9.55
CA LYS A 190 19.10 -10.20 9.77
C LYS A 190 19.22 -9.87 11.26
N GLU A 191 20.44 -9.66 11.73
CA GLU A 191 20.68 -9.15 13.06
C GLU A 191 20.19 -7.66 13.12
N GLU A 192 19.57 -7.27 14.23
CA GLU A 192 19.26 -5.88 14.50
C GLU A 192 20.58 -5.11 14.71
N PRO A 193 20.78 -4.09 13.87
CA PRO A 193 22.08 -3.44 13.67
C PRO A 193 22.56 -2.60 14.82
N TYR A 194 21.68 -2.09 15.69
CA TYR A 194 22.17 -1.03 16.57
C TYR A 194 22.16 -1.32 18.05
N PHE A 195 21.26 -2.19 18.48
CA PHE A 195 20.99 -2.29 19.91
C PHE A 195 21.12 -3.73 20.40
N GLY A 196 21.53 -4.61 19.49
CA GLY A 196 21.75 -6.01 19.83
C GLY A 196 20.46 -6.72 20.15
N MET A 197 19.40 -6.40 19.39
CA MET A 197 18.05 -6.93 19.62
C MET A 197 17.79 -8.28 18.98
N GLY A 198 18.80 -8.85 18.34
CA GLY A 198 18.64 -10.16 17.76
C GLY A 198 17.91 -10.13 16.44
N LYS A 199 17.27 -11.24 16.09
CA LYS A 199 16.75 -11.42 14.75
C LYS A 199 15.56 -10.54 14.48
N MET A 200 15.52 -9.95 13.28
CA MET A 200 14.40 -9.10 12.89
C MET A 200 13.54 -9.79 11.86
N ALA A 201 12.24 -9.66 12.03
CA ALA A 201 11.30 -10.03 11.01
C ALA A 201 11.16 -8.85 10.02
N VAL A 202 11.00 -7.63 10.57
CA VAL A 202 10.90 -6.38 9.81
C VAL A 202 11.88 -5.40 10.45
N SER A 203 12.81 -4.84 9.68
CA SER A 203 13.75 -3.88 10.27
C SER A 203 13.07 -2.53 10.50
N TRP A 204 13.88 -1.58 10.97
CA TRP A 204 13.41 -0.27 11.39
C TRP A 204 12.69 0.52 10.30
N HIS A 205 11.50 1.03 10.62
CA HIS A 205 10.82 1.95 9.70
C HIS A 205 9.74 2.72 10.42
N HIS A 206 9.10 3.62 9.67
CA HIS A 206 7.81 4.23 10.04
C HIS A 206 6.70 3.59 9.20
N ASP A 207 5.48 3.60 9.71
CA ASP A 207 4.34 3.25 8.89
C ASP A 207 4.00 4.47 8.03
N GLU A 208 4.07 4.30 6.72
CA GLU A 208 4.03 5.44 5.84
C GLU A 208 2.62 5.61 5.29
N ASN A 209 2.39 6.81 4.74
CA ASN A 209 1.18 7.20 3.99
C ASN A 209 -0.07 7.15 4.85
N LEU A 210 0.06 7.54 6.11
CA LEU A 210 -1.11 7.57 6.97
C LEU A 210 -1.48 9.01 7.23
N VAL A 211 -2.71 9.22 7.69
CA VAL A 211 -3.17 10.56 8.06
C VAL A 211 -2.21 11.15 9.10
N ASP A 212 -1.91 12.43 8.96
CA ASP A 212 -1.03 13.13 9.89
C ASP A 212 -1.38 12.82 11.35
N ARG A 213 -0.41 12.33 12.10
CA ARG A 213 -0.58 12.17 13.55
C ARG A 213 -1.63 11.14 13.90
N SER A 214 -1.91 10.25 12.97
CA SER A 214 -2.91 9.22 13.23
C SER A 214 -2.29 8.05 14.03
N ALA A 215 -3.10 7.47 14.89
CA ALA A 215 -2.69 6.34 15.69
C ALA A 215 -2.61 5.11 14.82
N VAL A 216 -1.80 4.14 15.27
CA VAL A 216 -1.78 2.82 14.68
C VAL A 216 -1.98 1.84 15.81
N ALA A 217 -2.79 0.83 15.59
CA ALA A 217 -3.13 -0.13 16.63
C ALA A 217 -2.87 -1.51 16.11
N VAL A 218 -2.17 -2.31 16.89
CA VAL A 218 -1.75 -3.63 16.47
C VAL A 218 -2.24 -4.70 17.43
N TYR A 219 -2.95 -5.71 16.90
CA TYR A 219 -3.24 -6.96 17.64
C TYR A 219 -2.17 -7.97 17.25
N SER A 220 -1.49 -8.55 18.24
CA SER A 220 -0.38 -9.45 17.97
C SER A 220 -0.75 -10.84 18.47
N TYR A 221 -0.54 -11.82 17.58
CA TYR A 221 -0.96 -13.19 17.79
C TYR A 221 0.20 -14.12 17.42
N SER A 222 0.95 -14.54 18.43
CA SER A 222 1.96 -15.55 18.24
C SER A 222 1.42 -16.81 18.86
N CYS A 223 1.83 -17.97 18.37
CA CYS A 223 1.46 -19.20 19.06
C CYS A 223 2.54 -19.63 20.06
N GLU A 224 2.21 -20.62 20.87
CA GLU A 224 3.18 -21.12 21.82
C GLU A 224 2.94 -22.61 22.06
N LEU A 236 18.59 -12.00 30.98
CA LEU A 236 19.82 -12.77 31.08
C LEU A 236 20.26 -13.40 29.75
N GLU A 237 20.75 -12.59 28.82
CA GLU A 237 20.80 -11.14 28.91
C GLU A 237 20.11 -10.58 27.68
N GLY A 238 19.29 -9.55 27.86
CA GLY A 238 18.60 -8.96 26.72
C GLY A 238 17.31 -9.69 26.43
N ARG A 239 16.67 -9.36 25.33
CA ARG A 239 15.36 -9.90 25.05
C ARG A 239 15.44 -11.39 24.77
N ASP A 240 14.38 -12.10 25.13
CA ASP A 240 14.27 -13.54 24.94
C ASP A 240 14.14 -13.82 23.43
N PRO A 241 15.09 -14.57 22.86
CA PRO A 241 15.12 -14.86 21.43
C PRO A 241 13.86 -15.59 20.91
N ASP A 242 13.21 -16.40 21.75
CA ASP A 242 12.04 -17.22 21.40
C ASP A 242 10.72 -16.43 21.35
N ILE A 243 10.74 -15.21 21.86
CA ILE A 243 9.52 -14.42 21.99
C ILE A 243 9.51 -13.29 20.99
N TRP A 244 8.35 -13.06 20.38
CA TRP A 244 8.14 -11.89 19.53
C TRP A 244 8.15 -10.58 20.32
N HIS A 245 8.78 -9.57 19.73
CA HIS A 245 8.80 -8.23 20.30
C HIS A 245 8.55 -7.20 19.24
N VAL A 246 8.11 -6.02 19.68
CA VAL A 246 8.24 -4.84 18.83
C VAL A 246 9.37 -3.96 19.40
N GLY A 247 10.28 -3.51 18.55
CA GLY A 247 11.36 -2.63 18.97
C GLY A 247 11.05 -1.17 18.60
N PHE A 248 11.51 -0.22 19.41
CA PHE A 248 11.31 1.21 19.18
C PHE A 248 12.62 1.92 19.41
N LYS A 249 12.89 2.93 18.59
CA LYS A 249 14.02 3.81 18.77
C LYS A 249 13.53 5.19 18.28
N ILE A 250 14.21 6.24 18.69
CA ILE A 250 13.97 7.57 18.15
C ILE A 250 14.66 7.70 16.79
N SER A 251 14.03 8.38 15.83
CA SER A 251 14.65 8.63 14.54
C SER A 251 15.97 9.33 14.74
N TRP A 252 16.91 9.04 13.85
CA TRP A 252 18.25 9.62 13.83
C TRP A 252 19.18 9.15 14.94
N ASP A 253 18.63 8.46 15.94
CA ASP A 253 19.37 8.27 17.17
C ASP A 253 19.59 6.76 17.51
N ILE A 254 20.86 6.39 17.68
CA ILE A 254 21.20 5.04 18.11
C ILE A 254 22.04 5.10 19.36
N GLU A 255 21.91 6.17 20.11
CA GLU A 255 22.65 6.36 21.34
C GLU A 255 21.77 6.12 22.57
N THR A 256 20.51 6.51 22.48
CA THR A 256 19.54 6.16 23.50
C THR A 256 19.24 4.69 23.25
N PRO A 257 19.44 3.82 24.25
CA PRO A 257 19.09 2.40 24.01
C PRO A 257 17.62 2.21 23.53
N GLY A 258 17.44 1.39 22.50
CA GLY A 258 16.10 1.09 22.03
C GLY A 258 15.31 0.29 23.04
N LEU A 259 13.99 0.36 22.95
CA LEU A 259 13.08 -0.44 23.77
C LEU A 259 12.61 -1.68 23.02
N ALA A 260 12.66 -2.86 23.65
CA ALA A 260 12.08 -4.06 23.04
C ALA A 260 10.94 -4.55 23.91
N ILE A 261 9.73 -4.43 23.38
CA ILE A 261 8.55 -4.83 24.12
C ILE A 261 8.17 -6.27 23.76
N PRO A 262 8.15 -7.16 24.74
CA PRO A 262 7.72 -8.55 24.47
C PRO A 262 6.24 -8.55 24.08
N LEU A 263 5.84 -9.45 23.18
CA LEU A 263 4.45 -9.52 22.76
C LEU A 263 4.03 -10.93 22.82
N HIS A 264 3.14 -11.22 23.76
CA HIS A 264 2.65 -12.58 23.89
C HIS A 264 1.32 -12.62 23.20
N GLN A 265 0.71 -13.80 23.20
CA GLN A 265 -0.48 -14.05 22.42
C GLN A 265 -1.63 -13.09 22.72
N GLY A 266 -1.98 -12.24 21.77
CA GLY A 266 -3.15 -11.41 21.97
C GLY A 266 -2.86 -10.06 22.60
N ASP A 267 -1.60 -9.70 22.75
CA ASP A 267 -1.27 -8.40 23.30
C ASP A 267 -1.56 -7.41 22.21
N CYS A 268 -1.93 -6.20 22.60
CA CYS A 268 -2.13 -5.10 21.68
C CYS A 268 -1.22 -3.92 22.05
N TYR A 269 -0.57 -3.32 21.06
CA TYR A 269 0.10 -2.07 21.31
C TYR A 269 -0.40 -0.97 20.34
N PHE A 270 -0.31 0.27 20.79
CA PHE A 270 -0.87 1.39 20.06
C PHE A 270 0.23 2.43 19.95
N MET A 271 0.40 3.00 18.76
CA MET A 271 1.27 4.16 18.58
C MET A 271 0.43 5.39 18.41
N LEU A 272 0.54 6.32 19.36
CA LEU A 272 -0.35 7.46 19.40
C LEU A 272 0.28 8.72 18.88
N ASP A 273 -0.56 9.55 18.25
CA ASP A 273 -0.23 10.93 17.95
C ASP A 273 0.98 10.91 17.05
N ASP A 274 2.01 11.68 17.39
CA ASP A 274 3.20 11.75 16.54
C ASP A 274 4.25 10.65 16.72
N LEU A 275 3.96 9.66 17.55
CA LEU A 275 4.94 8.59 17.83
C LEU A 275 5.48 7.92 16.57
N ASN A 276 4.57 7.59 15.67
CA ASN A 276 4.92 6.89 14.44
C ASN A 276 5.84 7.74 13.55
N ALA A 277 5.71 9.03 13.67
CA ALA A 277 6.54 9.97 12.90
C ALA A 277 7.92 10.19 13.57
N THR A 278 7.94 10.27 14.89
CA THR A 278 9.19 10.69 15.56
C THR A 278 10.06 9.47 15.90
N HIS A 279 9.48 8.29 15.89
CA HIS A 279 10.17 7.07 16.27
C HIS A 279 10.15 6.07 15.18
N GLN A 280 11.20 5.24 15.10
CA GLN A 280 11.15 4.07 14.21
C GLN A 280 10.75 2.83 15.02
N HIS A 281 10.17 1.85 14.35
CA HIS A 281 9.92 0.59 15.02
C HIS A 281 10.31 -0.56 14.13
N CYS A 282 10.59 -1.69 14.75
CA CYS A 282 10.86 -2.90 14.00
C CYS A 282 10.13 -4.04 14.67
N VAL A 283 10.18 -5.19 14.05
CA VAL A 283 9.55 -6.36 14.66
C VAL A 283 10.63 -7.40 14.86
N LEU A 284 10.75 -7.85 16.10
CA LEU A 284 11.78 -8.82 16.41
C LEU A 284 11.17 -10.21 16.43
N ALA A 285 11.75 -11.13 15.67
CA ALA A 285 11.17 -12.47 15.55
C ALA A 285 11.41 -13.32 16.79
N GLY A 286 10.39 -14.13 17.12
CA GLY A 286 10.55 -15.21 18.07
C GLY A 286 10.69 -16.50 17.29
N SER A 287 10.49 -17.64 17.95
CA SER A 287 10.75 -18.92 17.33
C SER A 287 9.52 -19.51 16.67
N GLN A 288 8.35 -18.99 17.00
CA GLN A 288 7.12 -19.57 16.45
C GLN A 288 6.45 -18.59 15.46
N PRO A 289 5.58 -19.11 14.60
CA PRO A 289 4.82 -18.27 13.68
C PRO A 289 4.00 -17.24 14.42
N ARG A 290 3.68 -16.13 13.75
CA ARG A 290 2.95 -15.05 14.36
C ARG A 290 2.18 -14.28 13.30
N PHE A 291 0.92 -13.95 13.62
CA PHE A 291 0.12 -13.01 12.84
C PHE A 291 0.06 -11.70 13.59
N SER A 292 -0.22 -10.64 12.87
CA SER A 292 -0.64 -9.39 13.47
C SER A 292 -1.68 -8.70 12.61
N SER A 293 -2.55 -7.95 13.25
CA SER A 293 -3.46 -7.08 12.56
C SER A 293 -3.06 -5.65 12.91
N THR A 294 -2.70 -4.86 11.90
CA THR A 294 -2.22 -3.51 12.06
C THR A 294 -3.22 -2.49 11.46
N HIS A 295 -4.07 -1.97 12.33
CA HIS A 295 -5.13 -1.05 11.98
C HIS A 295 -4.59 0.36 11.83
N ARG A 296 -4.97 1.01 10.74
CA ARG A 296 -4.38 2.30 10.38
C ARG A 296 -5.41 3.24 9.82
N VAL A 297 -5.13 4.54 9.93
CA VAL A 297 -5.93 5.54 9.25
C VAL A 297 -5.19 5.91 7.98
N ALA A 298 -5.42 5.12 6.92
CA ALA A 298 -4.84 5.39 5.61
C ALA A 298 -5.41 6.68 5.05
N GLU A 299 -4.53 7.44 4.42
CA GLU A 299 -4.82 8.69 3.75
C GLU A 299 -5.54 8.29 2.46
N CYS A 300 -6.88 8.23 2.52
CA CYS A 300 -7.69 7.63 1.46
C CYS A 300 -8.23 8.70 0.51
N SER A 301 -7.36 9.47 -0.13
CA SER A 301 -7.78 10.65 -0.87
C SER A 301 -7.60 10.50 -2.38
N THR A 302 -6.38 10.26 -2.85
CA THR A 302 -6.18 9.88 -4.23
C THR A 302 -6.07 8.36 -4.32
N GLY A 303 -6.59 7.66 -3.32
CA GLY A 303 -6.30 6.23 -3.23
C GLY A 303 -7.55 5.39 -3.13
N THR A 304 -8.68 5.94 -3.58
CA THR A 304 -9.93 5.18 -3.61
C THR A 304 -10.51 4.96 -5.03
N LEU A 305 -11.39 3.98 -5.15
CA LEU A 305 -11.95 3.67 -6.44
C LEU A 305 -12.79 4.85 -6.93
N ASP A 306 -13.62 5.40 -6.05
CA ASP A 306 -14.42 6.59 -6.35
C ASP A 306 -13.55 7.72 -6.88
N TYR A 307 -12.42 7.99 -6.22
CA TYR A 307 -11.55 9.05 -6.71
C TYR A 307 -11.04 8.80 -8.14
N ILE A 308 -10.55 7.60 -8.43
CA ILE A 308 -9.90 7.39 -9.72
C ILE A 308 -10.97 7.32 -10.85
N LEU A 309 -12.15 6.85 -10.51
CA LEU A 309 -13.25 6.85 -11.48
C LEU A 309 -13.63 8.29 -11.81
N GLN A 310 -13.67 9.13 -10.79
CA GLN A 310 -13.94 10.56 -10.99
C GLN A 310 -12.86 11.18 -11.86
N ARG A 311 -11.61 10.81 -11.64
CA ARG A 311 -10.53 11.38 -12.44
C ARG A 311 -10.75 10.96 -13.89
N CYS A 312 -11.13 9.70 -14.10
CA CYS A 312 -11.30 9.19 -15.47
C CYS A 312 -12.39 9.93 -16.21
N GLN A 313 -13.49 10.18 -15.51
CA GLN A 313 -14.64 10.86 -16.09
C GLN A 313 -14.25 12.27 -16.49
N LEU A 314 -13.50 12.94 -15.62
CA LEU A 314 -12.90 14.24 -15.91
C LEU A 314 -12.09 14.25 -17.21
N ALA A 315 -11.20 13.28 -17.39
CA ALA A 315 -10.47 13.15 -18.66
C ALA A 315 -11.41 13.01 -19.86
N LEU A 316 -12.43 12.20 -19.68
CA LEU A 316 -13.25 11.80 -20.81
C LEU A 316 -14.24 12.88 -21.18
N GLN A 317 -14.34 13.90 -20.33
CA GLN A 317 -15.12 15.10 -20.63
C GLN A 317 -14.58 15.80 -21.88
N ASN A 318 -13.31 15.59 -22.20
CA ASN A 318 -12.77 16.12 -23.47
C ASN A 318 -13.09 15.25 -24.71
N VAL A 319 -13.90 14.22 -24.53
CA VAL A 319 -14.19 13.29 -25.63
C VAL A 319 -15.66 13.34 -26.06
N CYS A 320 -15.89 13.37 -27.37
CA CYS A 320 -17.25 13.26 -27.89
C CYS A 320 -17.78 11.87 -27.56
N ASP A 321 -18.77 11.81 -26.66
CA ASP A 321 -19.16 10.55 -26.02
C ASP A 321 -20.49 9.94 -26.49
N ASP A 322 -20.86 10.20 -27.77
CA ASP A 322 -22.07 9.64 -28.36
C ASP A 322 -22.07 8.11 -28.35
N VAL A 323 -20.96 7.56 -28.82
CA VAL A 323 -20.88 6.14 -29.06
C VAL A 323 -19.46 5.67 -28.72
N ASP A 324 -19.34 4.44 -28.24
CA ASP A 324 -18.05 3.85 -27.90
C ASP A 324 -17.43 3.10 -29.09
N ASN A 325 -16.59 3.79 -29.88
CA ASN A 325 -15.83 3.16 -30.96
C ASN A 325 -14.40 3.74 -31.13
N ASP A 326 -13.67 3.27 -32.15
CA ASP A 326 -12.29 3.74 -32.36
C ASP A 326 -12.20 5.15 -32.95
N ASP A 327 -13.34 5.77 -33.22
CA ASP A 327 -13.34 7.12 -33.76
C ASP A 327 -13.40 8.17 -32.66
N VAL A 328 -12.29 8.37 -31.96
CA VAL A 328 -12.20 9.34 -30.87
C VAL A 328 -11.95 10.74 -31.38
N SER A 329 -12.84 11.67 -31.05
CA SER A 329 -12.62 13.06 -31.42
C SER A 329 -12.71 13.93 -30.17
N LEU A 330 -11.88 14.96 -30.12
CA LEU A 330 -11.72 15.73 -28.88
C LEU A 330 -12.41 17.09 -28.93
N LYS A 331 -12.95 17.51 -27.79
CA LYS A 331 -13.75 18.73 -27.79
C LYS A 331 -12.83 19.94 -27.83
N SER A 332 -11.66 19.83 -27.22
CA SER A 332 -10.74 20.96 -27.18
C SER A 332 -9.30 20.49 -27.29
N PHE A 333 -8.45 21.38 -27.80
CA PHE A 333 -7.02 21.13 -27.80
C PHE A 333 -6.26 22.19 -27.03
N GLU A 334 -6.95 22.82 -26.08
CA GLU A 334 -6.27 23.77 -25.18
C GLU A 334 -5.27 23.06 -24.30
N PRO A 335 -4.02 23.54 -24.30
CA PRO A 335 -2.87 23.02 -23.56
C PRO A 335 -3.27 22.45 -22.21
N ALA A 336 -3.91 23.28 -21.39
CA ALA A 336 -4.24 22.92 -20.03
C ALA A 336 -5.14 21.67 -19.96
N VAL A 337 -6.02 21.51 -20.94
CA VAL A 337 -6.95 20.38 -20.97
C VAL A 337 -6.25 19.10 -21.44
N LEU A 338 -5.36 19.23 -22.41
CA LEU A 338 -4.73 18.05 -22.98
C LEU A 338 -3.71 17.49 -21.99
N LYS A 339 -3.16 18.38 -21.17
CA LYS A 339 -2.18 18.01 -20.20
C LYS A 339 -2.84 17.19 -19.13
N GLN A 340 -3.99 17.69 -18.67
CA GLN A 340 -4.74 17.08 -17.61
C GLN A 340 -5.10 15.68 -18.06
N GLY A 341 -5.60 15.57 -19.29
CA GLY A 341 -5.96 14.28 -19.85
C GLY A 341 -4.82 13.27 -19.84
N GLU A 342 -3.68 13.67 -20.36
CA GLU A 342 -2.52 12.78 -20.36
C GLU A 342 -2.04 12.43 -18.94
N GLU A 343 -2.17 13.35 -17.99
CA GLU A 343 -1.80 13.02 -16.61
C GLU A 343 -2.73 11.98 -16.02
N ILE A 344 -4.02 12.09 -16.31
CA ILE A 344 -4.98 11.14 -15.75
C ILE A 344 -4.74 9.77 -16.38
N HIS A 345 -4.41 9.79 -17.66
CA HIS A 345 -4.09 8.61 -18.46
C HIS A 345 -2.95 7.84 -17.74
N ASN A 346 -1.93 8.55 -17.29
CA ASN A 346 -0.81 7.92 -16.58
C ASN A 346 -1.26 7.46 -15.22
N GLU A 347 -2.10 8.26 -14.56
CA GLU A 347 -2.56 7.90 -13.24
C GLU A 347 -3.28 6.55 -13.22
N VAL A 348 -4.28 6.40 -14.10
CA VAL A 348 -5.02 5.14 -14.12
C VAL A 348 -4.12 4.00 -14.60
N GLU A 349 -3.28 4.26 -15.60
CA GLU A 349 -2.38 3.22 -16.06
C GLU A 349 -1.41 2.70 -14.97
N PHE A 350 -0.63 3.59 -14.36
CA PHE A 350 0.47 3.16 -13.47
C PHE A 350 0.09 3.00 -12.00
N GLU A 351 -0.77 3.87 -11.49
CA GLU A 351 -1.15 3.78 -10.08
C GLU A 351 -2.22 2.73 -9.80
N TRP A 352 -2.95 2.32 -10.84
CA TRP A 352 -4.11 1.45 -10.67
C TRP A 352 -3.98 0.13 -11.45
N LEU A 353 -4.01 0.21 -12.77
CA LEU A 353 -4.02 -0.98 -13.60
C LEU A 353 -2.80 -1.86 -13.40
N ARG A 354 -1.65 -1.26 -13.60
CA ARG A 354 -0.37 -1.98 -13.56
C ARG A 354 -0.07 -2.47 -12.13
N GLN A 355 -0.44 -1.69 -11.13
CA GLN A 355 -0.31 -2.13 -9.74
C GLN A 355 -1.20 -3.34 -9.49
N PHE A 356 -2.41 -3.32 -10.01
CA PHE A 356 -3.38 -4.34 -9.65
C PHE A 356 -2.97 -5.64 -10.27
N TRP A 357 -2.51 -5.56 -11.52
CA TRP A 357 -2.24 -6.76 -12.28
C TRP A 357 -0.84 -7.30 -12.00
N PHE A 358 0.01 -6.49 -11.37
CA PHE A 358 1.37 -6.93 -11.09
C PHE A 358 1.34 -8.14 -10.18
N GLN A 359 0.34 -8.17 -9.33
CA GLN A 359 0.15 -9.21 -8.36
C GLN A 359 -0.43 -10.53 -8.93
N GLY A 360 -0.61 -10.63 -10.25
CA GLY A 360 -1.29 -11.78 -10.82
C GLY A 360 -2.72 -11.93 -10.31
N ASN A 361 -3.08 -13.12 -9.86
CA ASN A 361 -4.40 -13.35 -9.26
C ASN A 361 -4.37 -13.23 -7.72
N ARG A 362 -3.79 -12.15 -7.23
CA ARG A 362 -3.57 -12.03 -5.79
C ARG A 362 -4.81 -11.47 -5.13
N TYR A 363 -5.74 -10.98 -5.95
CA TYR A 363 -6.98 -10.42 -5.41
C TYR A 363 -8.20 -11.27 -5.69
N ARG A 364 -8.23 -11.91 -6.86
CA ARG A 364 -9.34 -12.80 -7.18
C ARG A 364 -9.31 -14.05 -6.30
N LYS A 365 -8.26 -14.19 -5.49
CA LYS A 365 -8.12 -15.36 -4.66
C LYS A 365 -9.22 -15.40 -3.61
N CYS A 366 -9.47 -14.27 -2.97
CA CYS A 366 -10.37 -14.25 -1.84
C CYS A 366 -11.53 -13.29 -1.98
N THR A 367 -11.53 -12.51 -3.06
CA THR A 367 -12.66 -11.65 -3.37
C THR A 367 -12.71 -11.37 -4.87
N ASP A 368 -13.91 -11.20 -5.42
CA ASP A 368 -14.02 -10.77 -6.82
C ASP A 368 -14.44 -9.31 -6.85
N TRP A 369 -14.32 -8.65 -5.70
CA TRP A 369 -14.79 -7.27 -5.56
C TRP A 369 -14.18 -6.34 -6.61
N TRP A 370 -12.88 -6.49 -6.86
CA TRP A 370 -12.18 -5.57 -7.75
C TRP A 370 -12.26 -5.95 -9.23
N CYS A 371 -12.95 -7.05 -9.55
CA CYS A 371 -13.05 -7.47 -10.95
C CYS A 371 -13.70 -6.44 -11.87
N GLN A 372 -14.93 -6.06 -11.57
CA GLN A 372 -15.63 -5.11 -12.42
C GLN A 372 -15.01 -3.73 -12.36
N PRO A 373 -14.61 -3.27 -11.16
CA PRO A 373 -13.87 -2.01 -11.18
C PRO A 373 -12.66 -2.01 -12.11
N MET A 374 -11.80 -3.02 -12.04
CA MET A 374 -10.63 -3.07 -12.90
C MET A 374 -10.94 -3.24 -14.38
N ALA A 375 -12.01 -3.97 -14.71
CA ALA A 375 -12.44 -4.10 -16.10
C ALA A 375 -12.88 -2.71 -16.57
N GLN A 376 -13.62 -2.01 -15.71
CA GLN A 376 -14.11 -0.66 -16.04
C GLN A 376 -12.96 0.35 -16.17
N LEU A 377 -11.98 0.30 -15.26
CA LEU A 377 -10.83 1.20 -15.38
C LEU A 377 -10.03 0.93 -16.64
N GLU A 378 -9.90 -0.33 -17.02
CA GLU A 378 -9.13 -0.68 -18.19
C GLU A 378 -9.83 -0.20 -19.46
N ALA A 379 -11.16 -0.40 -19.53
CA ALA A 379 -11.95 0.17 -20.61
C ALA A 379 -11.82 1.70 -20.61
N LEU A 380 -11.80 2.33 -19.43
CA LEU A 380 -11.57 3.78 -19.39
C LEU A 380 -10.19 4.15 -19.97
N TRP A 381 -9.18 3.37 -19.61
CA TRP A 381 -7.80 3.67 -20.01
C TRP A 381 -7.62 3.47 -21.51
N LYS A 382 -8.33 2.49 -22.04
CA LYS A 382 -8.29 2.15 -23.44
C LYS A 382 -8.85 3.28 -24.31
N LYS A 383 -9.92 3.92 -23.84
CA LYS A 383 -10.43 5.13 -24.47
C LYS A 383 -9.40 6.25 -24.46
N MET A 384 -8.70 6.41 -23.34
CA MET A 384 -7.68 7.44 -23.19
C MET A 384 -6.47 7.20 -24.10
N GLU A 385 -6.28 5.95 -24.47
CA GLU A 385 -5.25 5.60 -25.44
C GLU A 385 -5.70 6.17 -26.80
N GLY A 386 -7.00 6.06 -27.08
CA GLY A 386 -7.58 6.68 -28.27
C GLY A 386 -7.42 8.19 -28.20
N VAL A 387 -7.55 8.75 -26.99
CA VAL A 387 -7.30 10.18 -26.78
C VAL A 387 -5.87 10.64 -27.15
N THR A 388 -4.85 9.97 -26.63
CA THR A 388 -3.47 10.30 -27.01
C THR A 388 -3.27 10.19 -28.54
N ASN A 389 -3.80 9.13 -29.12
CA ASN A 389 -3.74 8.93 -30.56
C ASN A 389 -4.37 10.09 -31.33
N ALA A 390 -5.47 10.62 -30.84
CA ALA A 390 -6.13 11.74 -31.54
C ALA A 390 -5.30 13.02 -31.37
N VAL A 391 -4.77 13.22 -30.16
CA VAL A 391 -3.85 14.34 -29.88
C VAL A 391 -2.67 14.31 -30.84
N LEU A 392 -2.05 13.13 -30.97
CA LEU A 392 -0.89 12.97 -31.86
C LEU A 392 -1.32 13.29 -33.28
N HIS A 393 -2.56 12.97 -33.60
CA HIS A 393 -3.09 13.24 -34.93
C HIS A 393 -3.22 14.75 -35.14
N GLU A 394 -3.76 15.45 -34.14
CA GLU A 394 -3.93 16.90 -34.25
C GLU A 394 -2.57 17.59 -34.47
N VAL A 395 -1.61 17.23 -33.64
CA VAL A 395 -0.23 17.71 -33.77
C VAL A 395 0.36 17.54 -35.16
N LYS A 396 0.03 16.43 -35.84
CA LYS A 396 0.55 16.13 -37.18
C LYS A 396 -0.15 16.89 -38.31
N ARG A 397 -1.29 17.50 -37.99
CA ARG A 397 -2.11 18.18 -38.99
C ARG A 397 -1.37 19.35 -39.64
N GLU A 398 -1.42 19.40 -40.97
CA GLU A 398 -0.65 20.36 -41.74
C GLU A 398 -1.15 21.81 -41.64
N GLY A 399 -2.45 21.97 -41.43
CA GLY A 399 -3.04 23.28 -41.25
C GLY A 399 -2.81 23.91 -39.88
N LEU A 400 -2.35 23.11 -38.92
CA LEU A 400 -2.10 23.63 -37.59
C LEU A 400 -0.94 24.63 -37.61
N PRO A 401 -1.17 25.84 -37.10
CA PRO A 401 -0.06 26.79 -36.99
C PRO A 401 0.99 26.23 -36.05
N VAL A 402 2.26 26.53 -36.34
CA VAL A 402 3.35 25.95 -35.59
C VAL A 402 3.29 26.32 -34.11
N GLU A 403 2.82 27.52 -33.81
CA GLU A 403 2.76 28.03 -32.44
C GLU A 403 1.80 27.23 -31.58
N GLN A 404 0.63 26.94 -32.13
CA GLN A 404 -0.35 26.14 -31.43
C GLN A 404 0.18 24.71 -31.25
N ARG A 405 0.84 24.23 -32.30
CA ARG A 405 1.41 22.89 -32.29
C ARG A 405 2.41 22.76 -31.16
N ASN A 406 3.36 23.68 -31.10
CA ASN A 406 4.36 23.68 -30.02
C ASN A 406 3.74 23.81 -28.62
N GLU A 407 2.67 24.60 -28.50
CA GLU A 407 2.04 24.78 -27.20
C GLU A 407 1.43 23.47 -26.72
N ILE A 408 1.00 22.63 -27.66
CA ILE A 408 0.46 21.31 -27.35
C ILE A 408 1.57 20.36 -26.91
N LEU A 409 2.66 20.36 -27.65
CA LEU A 409 3.81 19.55 -27.31
C LEU A 409 4.29 19.89 -25.90
N THR A 410 4.45 21.18 -25.61
CA THR A 410 4.91 21.60 -24.29
C THR A 410 3.91 21.16 -23.22
N ALA A 411 2.65 21.09 -23.59
CA ALA A 411 1.62 20.64 -22.66
C ALA A 411 1.74 19.16 -22.31
N ILE A 412 2.14 18.33 -23.26
CA ILE A 412 1.97 16.88 -23.12
C ILE A 412 3.28 16.12 -23.01
N LEU A 413 4.38 16.80 -23.30
CA LEU A 413 5.68 16.13 -23.40
C LEU A 413 6.11 15.41 -22.15
N ALA A 414 5.86 16.03 -20.99
CA ALA A 414 6.33 15.44 -19.74
C ALA A 414 5.50 14.20 -19.41
N SER A 415 4.21 14.27 -19.71
CA SER A 415 3.32 13.13 -19.49
C SER A 415 3.73 11.91 -20.32
N LEU A 416 4.07 12.16 -21.58
CA LEU A 416 4.36 11.06 -22.48
C LEU A 416 5.75 10.52 -22.20
N THR A 417 6.59 11.39 -21.65
CA THR A 417 7.95 11.03 -21.25
C THR A 417 7.86 10.11 -20.03
N ALA A 418 7.08 10.55 -19.04
CA ALA A 418 6.83 9.74 -17.86
C ALA A 418 6.20 8.40 -18.25
N ARG A 419 5.31 8.41 -19.23
CA ARG A 419 4.60 7.20 -19.60
C ARG A 419 5.58 6.22 -20.21
N GLN A 420 6.51 6.74 -21.01
CA GLN A 420 7.55 5.92 -21.58
C GLN A 420 8.48 5.31 -20.52
N ASN A 421 8.95 6.14 -19.60
CA ASN A 421 9.93 5.68 -18.60
C ASN A 421 9.27 4.73 -17.64
N LEU A 422 8.05 5.07 -17.22
CA LEU A 422 7.34 4.22 -16.28
C LEU A 422 7.04 2.85 -16.89
N ARG A 423 6.71 2.79 -18.18
CA ARG A 423 6.45 1.52 -18.86
C ARG A 423 7.69 0.63 -18.87
N ARG A 424 8.84 1.25 -19.13
CA ARG A 424 10.07 0.49 -19.20
C ARG A 424 10.33 -0.10 -17.83
N GLU A 425 10.21 0.72 -16.80
CA GLU A 425 10.35 0.29 -15.42
C GLU A 425 9.41 -0.90 -15.10
N TRP A 426 8.14 -0.76 -15.43
CA TRP A 426 7.19 -1.84 -15.16
C TRP A 426 7.46 -3.10 -15.95
N HIS A 427 7.80 -2.96 -17.23
CA HIS A 427 8.01 -4.17 -18.03
C HIS A 427 9.17 -4.96 -17.47
N ALA A 428 10.16 -4.25 -16.93
CA ALA A 428 11.38 -4.90 -16.44
C ALA A 428 11.07 -5.73 -15.19
N ARG A 429 10.17 -5.20 -14.36
CA ARG A 429 9.81 -5.88 -13.11
C ARG A 429 9.10 -7.17 -13.42
N CYS A 430 8.24 -7.11 -14.42
CA CYS A 430 7.53 -8.31 -14.87
C CYS A 430 8.49 -9.35 -15.42
N GLN A 431 9.62 -8.91 -15.97
CA GLN A 431 10.57 -9.85 -16.55
C GLN A 431 11.76 -10.18 -15.66
N SER A 432 11.81 -9.63 -14.46
CA SER A 432 12.91 -9.92 -13.53
C SER A 432 12.96 -11.40 -13.21
N ARG A 433 14.16 -11.90 -12.89
CA ARG A 433 14.34 -13.31 -12.55
C ARG A 433 13.58 -13.73 -11.30
N ILE A 434 13.41 -12.80 -10.37
CA ILE A 434 12.68 -13.08 -9.13
C ILE A 434 11.18 -13.23 -9.40
N ALA A 435 10.65 -12.39 -10.29
CA ALA A 435 9.24 -12.46 -10.71
C ALA A 435 8.88 -13.78 -11.39
N ARG A 436 9.84 -14.38 -12.10
CA ARG A 436 9.54 -15.59 -12.84
C ARG A 436 9.66 -16.81 -11.92
N THR A 437 10.22 -16.60 -10.74
CA THR A 437 10.37 -17.65 -9.74
C THR A 437 9.05 -17.90 -9.04
N LEU A 438 8.20 -16.88 -9.00
CA LEU A 438 6.92 -16.98 -8.29
C LEU A 438 6.06 -18.13 -8.83
N PRO A 439 5.05 -18.56 -8.05
CA PRO A 439 4.08 -19.55 -8.57
C PRO A 439 3.17 -18.99 -9.64
N ALA A 440 2.40 -19.88 -10.24
CA ALA A 440 1.54 -19.57 -11.38
C ALA A 440 0.43 -18.58 -11.04
N ASP A 441 -0.10 -18.71 -9.82
CA ASP A 441 -1.19 -17.87 -9.36
C ASP A 441 -0.70 -16.47 -8.97
N GLN A 442 0.61 -16.32 -8.82
CA GLN A 442 1.19 -15.04 -8.42
C GLN A 442 2.02 -14.32 -9.49
N LYS A 443 2.61 -15.09 -10.42
CA LYS A 443 3.54 -14.51 -11.39
C LYS A 443 2.97 -13.25 -12.02
N PRO A 444 3.77 -12.19 -12.04
CA PRO A 444 3.27 -10.92 -12.59
C PRO A 444 2.91 -10.98 -14.07
N GLU A 445 1.75 -10.44 -14.39
CA GLU A 445 1.37 -10.15 -15.76
C GLU A 445 1.73 -8.67 -15.92
N CYS A 446 2.16 -8.25 -17.12
CA CYS A 446 2.40 -6.82 -17.37
C CYS A 446 1.17 -6.19 -18.01
N ARG A 447 0.01 -6.58 -17.51
CA ARG A 447 -1.24 -6.09 -18.03
C ARG A 447 -1.40 -4.60 -17.68
N PRO A 448 -1.82 -3.77 -18.65
CA PRO A 448 -2.09 -4.16 -20.04
C PRO A 448 -0.81 -4.15 -20.91
N TYR A 449 -0.60 -5.23 -21.64
CA TYR A 449 0.54 -5.34 -22.55
C TYR A 449 0.01 -5.80 -23.91
N TRP A 450 0.57 -5.25 -24.98
CA TRP A 450 0.16 -5.65 -26.32
C TRP A 450 1.37 -5.64 -27.22
N GLU A 451 1.41 -6.64 -28.09
CA GLU A 451 2.64 -7.02 -28.79
C GLU A 451 3.04 -6.05 -29.87
N LYS A 452 2.13 -5.14 -30.21
CA LYS A 452 2.17 -4.39 -31.46
C LYS A 452 1.84 -5.40 -32.56
N ASP A 453 1.54 -4.89 -33.76
CA ASP A 453 0.86 -5.72 -34.75
C ASP A 453 -0.37 -6.30 -34.06
N ASP A 454 -0.91 -5.52 -33.13
CA ASP A 454 -2.17 -5.82 -32.49
C ASP A 454 -3.01 -4.63 -32.87
N ALA A 455 -3.79 -4.81 -33.94
CA ALA A 455 -4.55 -3.73 -34.54
C ALA A 455 -5.64 -3.22 -33.62
N SER A 456 -5.86 -3.93 -32.50
CA SER A 456 -6.87 -3.53 -31.53
C SER A 456 -6.48 -2.29 -30.71
N MET A 457 -5.19 -1.96 -30.65
CA MET A 457 -4.75 -0.80 -29.90
C MET A 457 -4.27 0.25 -30.89
N PRO A 458 -4.58 1.51 -30.63
CA PRO A 458 -4.25 2.55 -31.61
C PRO A 458 -2.78 2.98 -31.59
N LEU A 459 -2.13 2.88 -30.43
CA LEU A 459 -0.74 3.31 -30.28
C LEU A 459 0.16 2.16 -29.84
N PRO A 460 1.46 2.26 -30.12
CA PRO A 460 2.37 1.21 -29.64
C PRO A 460 2.60 1.28 -28.14
N PHE A 461 2.88 0.14 -27.54
CA PHE A 461 3.29 0.07 -26.13
C PHE A 461 4.58 0.83 -25.87
N ASP A 462 5.46 0.82 -26.87
CA ASP A 462 6.77 1.44 -26.74
C ASP A 462 6.73 2.82 -27.39
N LEU A 463 6.78 3.87 -26.59
CA LEU A 463 6.60 5.23 -27.10
C LEU A 463 7.89 5.98 -27.48
N THR A 464 9.03 5.30 -27.47
CA THR A 464 10.30 6.01 -27.64
C THR A 464 10.41 6.78 -28.95
N ASP A 465 9.99 6.16 -30.06
CA ASP A 465 10.01 6.85 -31.35
C ASP A 465 9.09 8.06 -31.33
N ILE A 466 7.88 7.86 -30.84
CA ILE A 466 6.89 8.93 -30.80
C ILE A 466 7.42 10.07 -29.94
N VAL A 467 7.95 9.73 -28.77
CA VAL A 467 8.51 10.73 -27.88
C VAL A 467 9.68 11.47 -28.53
N SER A 468 10.61 10.71 -29.08
CA SER A 468 11.79 11.30 -29.70
C SER A 468 11.38 12.27 -30.81
N GLU A 469 10.35 11.92 -31.55
CA GLU A 469 9.90 12.75 -32.67
C GLU A 469 9.20 14.02 -32.19
N LEU A 470 8.41 13.90 -31.13
CA LEU A 470 7.75 15.05 -30.53
C LEU A 470 8.77 16.06 -29.98
N ARG A 471 9.74 15.54 -29.24
CA ARG A 471 10.82 16.34 -28.67
C ARG A 471 11.69 16.94 -29.79
N GLY A 472 11.84 16.20 -30.89
CA GLY A 472 12.61 16.69 -32.02
C GLY A 472 11.93 17.85 -32.74
N GLN A 473 10.60 17.82 -32.77
CA GLN A 473 9.83 18.88 -33.43
C GLN A 473 9.92 20.19 -32.66
N LEU A 474 9.91 20.10 -31.34
CA LEU A 474 9.94 21.28 -30.49
C LEU A 474 11.29 22.01 -30.54
N LEU A 475 12.29 21.37 -31.15
CA LEU A 475 13.61 21.99 -31.30
C LEU A 475 13.84 22.62 -32.67
N GLU A 476 12.81 22.62 -33.51
CA GLU A 476 12.89 23.19 -34.85
C GLU A 476 12.94 24.72 -34.79
#